data_3S2X
#
_entry.id   3S2X
#
_cell.length_a   129.040
_cell.length_b   129.040
_cell.length_c   46.030
_cell.angle_alpha   90.00
_cell.angle_beta   90.00
_cell.angle_gamma   120.00
#
_symmetry.space_group_name_H-M   'H 3'
#
loop_
_entity.id
_entity.type
_entity.pdbx_description
1 polymer 'acetyl-CoA synthase subunit alpha'
2 non-polymer 'NICKEL (II) ION'
3 water water
#
_entity_poly.entity_id   1
_entity_poly.type   'polypeptide(L)'
_entity_poly.pdbx_seq_one_letter_code
;SCGCFEAIMAILPECNGIMITTRDHAGMTPSGMTFSTLAGMIGGGTQTPGFMGIGRTYIVSKKFISADGGIARIVWMPKS
LKDFLHDEFVRRSVEEGLGEDFIDKIADETIGTTVDEILPYLEEKGHPALTMDPIMA
;
_entity_poly.pdbx_strand_id   A,B
#
loop_
_chem_comp.id
_chem_comp.type
_chem_comp.name
_chem_comp.formula
NI non-polymer 'NICKEL (II) ION' 'Ni 2'
#
# COMPACT_ATOMS: atom_id res chain seq x y z
N SER A 1 8.37 17.83 2.18
CA SER A 1 7.33 17.59 1.16
C SER A 1 7.11 18.76 0.18
N CYS A 2 8.18 19.44 -0.21
CA CYS A 2 8.11 20.54 -1.16
C CYS A 2 8.17 20.01 -2.59
N GLY A 3 9.37 19.75 -3.09
CA GLY A 3 9.52 19.23 -4.44
C GLY A 3 10.99 19.00 -4.77
N CYS A 4 11.82 19.01 -3.74
CA CYS A 4 13.24 18.83 -3.87
C CYS A 4 13.68 17.54 -3.20
N PHE A 5 12.75 16.89 -2.50
CA PHE A 5 13.08 15.66 -1.77
C PHE A 5 13.58 14.52 -2.65
N GLU A 6 14.71 13.94 -2.27
CA GLU A 6 15.29 12.84 -3.02
C GLU A 6 14.61 11.51 -2.69
N ALA A 7 13.92 11.46 -1.55
CA ALA A 7 13.26 10.23 -1.14
C ALA A 7 11.91 10.40 -0.48
N ILE A 8 11.17 9.30 -0.40
CA ILE A 8 9.86 9.30 0.21
C ILE A 8 9.75 8.09 1.12
N MET A 9 9.22 8.29 2.32
CA MET A 9 9.06 7.21 3.26
C MET A 9 7.60 6.97 3.53
N ALA A 10 7.22 5.69 3.59
CA ALA A 10 5.85 5.34 3.84
C ALA A 10 5.76 4.31 4.94
N ILE A 11 4.64 4.33 5.67
CA ILE A 11 4.41 3.39 6.76
C ILE A 11 3.88 2.10 6.17
N LEU A 12 4.39 0.99 6.69
CA LEU A 12 3.99 -0.34 6.27
C LEU A 12 3.35 -1.05 7.48
N PRO A 13 2.05 -0.79 7.74
CA PRO A 13 1.37 -1.42 8.89
C PRO A 13 1.56 -2.92 9.07
N GLU A 14 1.61 -3.67 7.97
CA GLU A 14 1.76 -5.12 8.05
C GLU A 14 3.15 -5.59 8.55
N CYS A 15 4.18 -4.77 8.38
CA CYS A 15 5.54 -5.10 8.83
C CYS A 15 5.87 -4.31 10.10
N ASN A 16 4.93 -3.48 10.53
CA ASN A 16 5.13 -2.66 11.71
C ASN A 16 6.34 -1.75 11.53
N GLY A 17 6.65 -1.42 10.28
CA GLY A 17 7.79 -0.56 9.99
C GLY A 17 7.50 0.47 8.92
N ILE A 18 8.54 0.98 8.28
CA ILE A 18 8.39 1.97 7.21
C ILE A 18 9.29 1.61 6.04
N MET A 19 8.90 2.01 4.84
CA MET A 19 9.69 1.73 3.67
C MET A 19 10.23 3.07 3.24
N ILE A 20 11.21 3.06 2.34
CA ILE A 20 11.77 4.29 1.77
C ILE A 20 12.14 4.05 0.32
N THR A 21 11.71 4.94 -0.56
CA THR A 21 12.09 4.81 -1.96
C THR A 21 12.72 6.14 -2.37
N THR A 22 13.40 6.17 -3.50
CA THR A 22 14.07 7.39 -3.96
C THR A 22 13.63 7.86 -5.35
N ARG A 23 13.96 9.11 -5.66
CA ARG A 23 13.62 9.71 -6.93
C ARG A 23 14.17 8.93 -8.12
N ASP A 24 15.36 8.36 -7.98
CA ASP A 24 15.92 7.61 -9.09
C ASP A 24 15.61 6.12 -9.10
N HIS A 25 14.75 5.68 -8.19
CA HIS A 25 14.36 4.27 -8.16
C HIS A 25 13.02 4.14 -8.85
N ALA A 26 12.97 3.34 -9.91
CA ALA A 26 11.74 3.19 -10.68
C ALA A 26 10.88 2.02 -10.26
N GLY A 27 11.45 1.13 -9.46
CA GLY A 27 10.73 -0.05 -9.04
C GLY A 27 9.45 0.14 -8.26
N MET A 28 8.68 -0.92 -8.16
CA MET A 28 7.45 -0.90 -7.40
C MET A 28 7.92 -1.06 -5.95
N THR A 29 7.16 -0.56 -4.99
CA THR A 29 7.57 -0.71 -3.61
C THR A 29 6.47 -1.44 -2.83
N PRO A 30 6.77 -1.91 -1.60
CA PRO A 30 5.80 -2.62 -0.76
C PRO A 30 4.51 -1.85 -0.50
N SER A 31 4.48 -0.56 -0.80
CA SER A 31 3.27 0.20 -0.59
C SER A 31 2.35 0.16 -1.81
N GLY A 32 2.78 -0.54 -2.85
CA GLY A 32 1.97 -0.62 -4.06
C GLY A 32 2.17 0.54 -5.00
N MET A 33 3.17 1.39 -4.70
CA MET A 33 3.44 2.56 -5.54
C MET A 33 4.90 2.82 -5.81
N THR A 34 5.18 3.52 -6.92
CA THR A 34 6.54 3.87 -7.25
C THR A 34 6.78 5.24 -6.63
N PHE A 35 8.00 5.72 -6.73
CA PHE A 35 8.31 7.03 -6.20
C PHE A 35 7.45 8.07 -6.93
N SER A 36 7.31 7.91 -8.24
CA SER A 36 6.52 8.86 -9.04
C SER A 36 5.11 9.01 -8.50
N THR A 37 4.45 7.88 -8.25
CA THR A 37 3.09 7.91 -7.74
C THR A 37 3.05 8.56 -6.37
N LEU A 38 3.93 8.15 -5.47
CA LEU A 38 3.94 8.77 -4.15
C LEU A 38 4.18 10.28 -4.30
N ALA A 39 5.13 10.66 -5.13
CA ALA A 39 5.45 12.07 -5.33
C ALA A 39 4.23 12.89 -5.76
N GLY A 40 3.37 12.28 -6.58
CA GLY A 40 2.21 12.97 -7.07
C GLY A 40 1.17 13.38 -6.05
N MET A 41 1.25 12.87 -4.84
CA MET A 41 0.27 13.24 -3.83
C MET A 41 0.96 13.62 -2.53
N ILE A 42 2.15 14.19 -2.65
CA ILE A 42 2.92 14.56 -1.47
C ILE A 42 3.03 16.08 -1.34
N GLN A 47 2.27 17.21 2.21
CA GLN A 47 2.42 16.05 3.10
C GLN A 47 1.10 15.36 3.53
N THR A 48 0.88 14.08 3.18
CA THR A 48 -0.34 13.34 3.62
C THR A 48 0.02 12.43 4.80
N PRO A 49 -1.00 11.89 5.52
CA PRO A 49 -0.72 11.02 6.67
C PRO A 49 -0.33 9.63 6.21
N GLY A 50 0.80 9.16 6.72
CA GLY A 50 1.29 7.84 6.34
C GLY A 50 2.57 7.88 5.51
N PHE A 51 2.90 9.06 4.99
CA PHE A 51 4.12 9.20 4.21
C PHE A 51 4.52 10.63 3.96
N MET A 52 5.82 10.85 3.91
CA MET A 52 6.39 12.17 3.72
C MET A 52 7.63 12.19 2.83
N GLY A 53 7.84 13.31 2.14
CA GLY A 53 9.00 13.47 1.27
C GLY A 53 10.17 13.93 2.11
N ILE A 54 11.33 13.31 1.96
CA ILE A 54 12.45 13.68 2.79
C ILE A 54 13.80 13.69 2.07
N GLY A 55 14.82 14.23 2.75
CA GLY A 55 16.15 14.23 2.19
C GLY A 55 16.75 12.91 2.66
N ARG A 56 17.61 12.30 1.85
CA ARG A 56 18.22 11.04 2.26
C ARG A 56 19.06 11.20 3.51
N THR A 57 19.65 12.38 3.67
CA THR A 57 20.49 12.68 4.83
C THR A 57 19.72 12.50 6.13
N TYR A 58 18.46 12.89 6.13
CA TYR A 58 17.61 12.78 7.29
C TYR A 58 17.64 11.38 7.88
N ILE A 59 17.61 10.37 7.01
CA ILE A 59 17.64 8.97 7.42
C ILE A 59 18.77 8.65 8.41
N VAL A 60 19.93 9.27 8.20
CA VAL A 60 21.07 9.02 9.10
C VAL A 60 21.27 10.10 10.16
N SER A 61 20.18 10.77 10.53
CA SER A 61 20.21 11.82 11.55
C SER A 61 19.81 11.23 12.90
N LYS A 62 20.36 11.77 13.98
CA LYS A 62 20.04 11.27 15.32
C LYS A 62 18.56 11.51 15.60
N LYS A 63 18.00 12.49 14.90
CA LYS A 63 16.61 12.85 15.08
C LYS A 63 15.62 12.03 14.26
N PHE A 64 16.11 11.35 13.22
CA PHE A 64 15.25 10.56 12.34
C PHE A 64 14.17 9.74 13.01
N ILE A 65 12.92 10.17 12.85
CA ILE A 65 11.75 9.49 13.40
C ILE A 65 12.00 9.00 14.83
N SER A 66 12.75 9.82 15.57
CA SER A 66 13.12 9.54 16.95
C SER A 66 12.00 8.97 17.81
N ALA A 67 10.91 9.70 17.90
CA ALA A 67 9.77 9.29 18.72
C ALA A 67 9.21 7.92 18.37
N ASP A 68 9.22 7.56 17.10
CA ASP A 68 8.64 6.28 16.69
C ASP A 68 9.60 5.10 16.46
N GLY A 69 10.83 5.21 16.95
CA GLY A 69 11.76 4.11 16.79
C GLY A 69 13.06 4.34 16.02
N GLY A 70 13.09 5.39 15.19
CA GLY A 70 14.28 5.65 14.42
C GLY A 70 14.59 4.58 13.39
N ILE A 71 15.86 4.51 13.02
CA ILE A 71 16.33 3.54 12.05
C ILE A 71 15.72 2.14 12.16
N ALA A 72 15.52 1.66 13.38
CA ALA A 72 14.95 0.32 13.60
C ALA A 72 13.65 0.04 12.83
N ARG A 73 12.90 1.08 12.49
CA ARG A 73 11.65 0.88 11.77
C ARG A 73 11.80 0.60 10.27
N ILE A 74 12.98 0.87 9.71
CA ILE A 74 13.17 0.66 8.29
C ILE A 74 13.28 -0.80 7.94
N VAL A 75 12.36 -1.27 7.11
CA VAL A 75 12.37 -2.65 6.69
C VAL A 75 12.65 -2.81 5.21
N TRP A 76 12.50 -1.74 4.43
CA TRP A 76 12.76 -1.83 2.99
C TRP A 76 13.36 -0.55 2.42
N MET A 77 14.37 -0.70 1.56
CA MET A 77 15.01 0.44 0.91
C MET A 77 15.58 -0.02 -0.42
N PRO A 78 15.70 0.88 -1.39
CA PRO A 78 16.25 0.32 -2.62
C PRO A 78 17.72 0.04 -2.34
N LYS A 79 18.28 -0.95 -3.02
CA LYS A 79 19.69 -1.28 -2.86
C LYS A 79 20.56 -0.01 -3.06
N SER A 80 20.24 0.77 -4.08
CA SER A 80 20.99 1.99 -4.39
C SER A 80 21.04 2.96 -3.21
N LEU A 81 19.93 3.08 -2.48
CA LEU A 81 19.89 3.99 -1.35
C LEU A 81 20.77 3.43 -0.24
N LYS A 82 20.79 2.11 -0.09
CA LYS A 82 21.64 1.48 0.94
C LYS A 82 23.08 1.79 0.60
N ASP A 83 23.43 1.73 -0.68
CA ASP A 83 24.80 2.00 -1.07
C ASP A 83 25.21 3.43 -0.80
N PHE A 84 24.29 4.36 -1.07
CA PHE A 84 24.54 5.79 -0.88
C PHE A 84 24.75 6.19 0.57
N LEU A 85 24.13 5.47 1.49
CA LEU A 85 24.22 5.79 2.92
C LEU A 85 25.03 4.78 3.72
N HIS A 86 25.34 3.65 3.10
CA HIS A 86 26.06 2.58 3.79
C HIS A 86 26.89 2.98 5.01
N ASP A 87 28.07 3.54 4.78
CA ASP A 87 28.92 3.94 5.91
C ASP A 87 28.17 4.73 6.97
N GLU A 88 27.40 5.72 6.55
CA GLU A 88 26.63 6.55 7.46
C GLU A 88 25.65 5.69 8.25
N PHE A 89 24.94 4.82 7.53
CA PHE A 89 23.93 3.96 8.10
C PHE A 89 24.49 2.93 9.08
N VAL A 90 25.60 2.29 8.73
CA VAL A 90 26.20 1.29 9.61
C VAL A 90 26.60 1.98 10.92
N ARG A 91 27.18 3.17 10.80
CA ARG A 91 27.58 3.96 11.97
C ARG A 91 26.37 4.08 12.91
N ARG A 92 25.30 4.69 12.40
CA ARG A 92 24.07 4.90 13.16
C ARG A 92 23.52 3.59 13.71
N SER A 93 23.66 2.51 12.96
CA SER A 93 23.17 1.21 13.40
C SER A 93 23.91 0.79 14.66
N VAL A 94 25.22 1.03 14.68
CA VAL A 94 26.03 0.68 15.83
C VAL A 94 25.71 1.54 17.06
N GLU A 95 25.59 2.84 16.86
CA GLU A 95 25.29 3.75 17.98
C GLU A 95 23.90 3.46 18.57
N GLU A 96 23.03 2.86 17.76
CA GLU A 96 21.68 2.55 18.20
C GLU A 96 21.58 1.17 18.85
N GLY A 97 22.67 0.41 18.77
CA GLY A 97 22.70 -0.93 19.34
C GLY A 97 21.93 -1.94 18.51
N LEU A 98 22.07 -1.85 17.19
CA LEU A 98 21.37 -2.76 16.31
C LEU A 98 22.38 -3.69 15.64
N GLY A 99 23.66 -3.42 15.88
CA GLY A 99 24.69 -4.25 15.28
C GLY A 99 25.05 -3.68 13.92
N GLU A 100 26.31 -3.84 13.53
CA GLU A 100 26.78 -3.32 12.27
C GLU A 100 26.08 -3.99 11.08
N ASP A 101 25.56 -5.19 11.31
CA ASP A 101 24.91 -5.94 10.24
C ASP A 101 23.42 -5.65 10.11
N PHE A 102 22.91 -4.69 10.89
CA PHE A 102 21.49 -4.35 10.81
C PHE A 102 21.05 -4.10 9.35
N ILE A 103 21.88 -3.37 8.60
CA ILE A 103 21.58 -3.03 7.23
C ILE A 103 21.23 -4.26 6.41
N ASP A 104 21.79 -5.40 6.77
CA ASP A 104 21.50 -6.63 6.03
C ASP A 104 20.18 -7.29 6.45
N LYS A 105 19.54 -6.73 7.47
CA LYS A 105 18.26 -7.27 7.91
C LYS A 105 17.15 -6.52 7.16
N ILE A 106 17.49 -5.37 6.60
CA ILE A 106 16.54 -4.56 5.87
C ILE A 106 16.35 -5.14 4.47
N ALA A 107 15.11 -5.29 4.03
CA ALA A 107 14.90 -5.85 2.70
C ALA A 107 15.14 -4.78 1.62
N ASP A 108 15.21 -5.23 0.37
CA ASP A 108 15.39 -4.35 -0.79
C ASP A 108 14.81 -5.09 -2.00
N GLU A 109 14.87 -4.50 -3.20
CA GLU A 109 14.30 -5.16 -4.38
C GLU A 109 15.08 -6.43 -4.72
N THR A 110 16.15 -6.66 -3.98
CA THR A 110 16.97 -7.87 -4.16
C THR A 110 16.23 -9.04 -3.52
N ILE A 111 15.27 -8.71 -2.64
CA ILE A 111 14.48 -9.71 -1.95
C ILE A 111 13.03 -9.69 -2.43
N GLY A 112 12.52 -8.49 -2.70
CA GLY A 112 11.16 -8.36 -3.16
C GLY A 112 10.64 -6.92 -3.17
N THR A 113 9.53 -6.70 -3.85
CA THR A 113 8.93 -5.37 -3.98
C THR A 113 7.55 -5.29 -3.31
N THR A 114 7.19 -6.34 -2.58
CA THR A 114 5.87 -6.44 -1.93
C THR A 114 5.95 -6.97 -0.51
N VAL A 115 4.96 -6.62 0.29
CA VAL A 115 4.90 -7.06 1.68
C VAL A 115 4.97 -8.58 1.77
N ASP A 116 4.22 -9.24 0.89
CA ASP A 116 4.14 -10.70 0.84
C ASP A 116 5.47 -11.42 0.68
N GLU A 117 6.36 -10.88 -0.16
CA GLU A 117 7.66 -11.48 -0.38
C GLU A 117 8.63 -11.09 0.74
N ILE A 118 8.46 -9.87 1.25
CA ILE A 118 9.33 -9.32 2.28
C ILE A 118 9.20 -9.85 3.71
N LEU A 119 7.98 -9.98 4.23
CA LEU A 119 7.81 -10.48 5.60
C LEU A 119 8.64 -11.71 5.88
N PRO A 120 8.49 -12.76 5.05
CA PRO A 120 9.26 -13.99 5.25
C PRO A 120 10.73 -13.66 5.54
N TYR A 121 11.30 -12.80 4.72
CA TYR A 121 12.69 -12.39 4.87
C TYR A 121 12.95 -11.68 6.20
N LEU A 122 12.08 -10.75 6.56
CA LEU A 122 12.26 -10.03 7.82
C LEU A 122 12.24 -10.97 9.01
N GLU A 123 11.38 -12.00 8.92
CA GLU A 123 11.27 -12.99 9.98
C GLU A 123 12.54 -13.82 10.04
N GLU A 124 12.98 -14.31 8.88
CA GLU A 124 14.19 -15.11 8.83
C GLU A 124 15.33 -14.35 9.50
N LYS A 125 15.57 -13.13 9.04
CA LYS A 125 16.65 -12.28 9.55
C LYS A 125 16.43 -11.72 10.93
N GLY A 126 15.29 -12.04 11.53
CA GLY A 126 15.03 -11.51 12.86
C GLY A 126 15.11 -10.00 12.89
N HIS A 127 14.39 -9.33 11.98
CA HIS A 127 14.38 -7.87 11.92
C HIS A 127 13.67 -7.35 13.18
N PRO A 128 14.28 -6.37 13.86
CA PRO A 128 13.76 -5.75 15.09
C PRO A 128 12.32 -5.19 15.04
N ALA A 129 12.00 -4.45 13.98
CA ALA A 129 10.69 -3.84 13.83
C ALA A 129 9.50 -4.77 14.06
N LEU A 130 9.69 -6.06 13.80
CA LEU A 130 8.59 -7.01 13.98
C LEU A 130 8.16 -7.23 15.43
N THR A 131 9.02 -6.89 16.39
CA THR A 131 8.69 -7.09 17.80
C THR A 131 8.67 -5.79 18.60
N MET A 132 8.63 -4.67 17.91
CA MET A 132 8.59 -3.38 18.59
C MET A 132 7.16 -2.97 18.81
N ASP A 133 6.97 -1.83 19.46
CA ASP A 133 5.64 -1.31 19.72
C ASP A 133 4.95 -1.12 18.37
N PRO A 134 3.61 -1.23 18.34
CA PRO A 134 2.85 -1.06 17.09
C PRO A 134 3.18 0.30 16.48
N ILE A 135 3.63 0.29 15.24
CA ILE A 135 4.02 1.51 14.54
C ILE A 135 2.99 2.64 14.71
N MET A 136 1.72 2.27 14.77
CA MET A 136 0.63 3.25 14.92
C MET A 136 0.39 3.65 16.39
N SER B 1 -17.09 3.12 9.58
CA SER B 1 -15.83 2.90 10.33
C SER B 1 -16.07 2.81 11.84
N CYS B 2 -17.09 2.08 12.25
CA CYS B 2 -17.38 1.94 13.67
C CYS B 2 -16.88 0.62 14.24
N GLY B 3 -17.36 -0.49 13.70
CA GLY B 3 -16.95 -1.81 14.17
C GLY B 3 -17.85 -2.90 13.65
N CYS B 4 -18.85 -2.49 12.88
CA CYS B 4 -19.81 -3.40 12.30
C CYS B 4 -19.55 -3.58 10.81
N PHE B 5 -18.73 -2.70 10.22
CA PHE B 5 -18.48 -2.78 8.78
C PHE B 5 -18.05 -4.17 8.32
N GLU B 6 -18.70 -4.63 7.25
CA GLU B 6 -18.41 -5.92 6.67
C GLU B 6 -17.28 -5.79 5.65
N ALA B 7 -16.93 -4.56 5.30
CA ALA B 7 -15.89 -4.35 4.32
C ALA B 7 -15.07 -3.10 4.56
N ILE B 8 -13.89 -3.06 3.94
CA ILE B 8 -13.03 -1.90 4.04
C ILE B 8 -12.52 -1.55 2.64
N MET B 9 -12.75 -0.31 2.23
CA MET B 9 -12.27 0.11 0.92
C MET B 9 -11.04 0.97 1.12
N ALA B 10 -10.05 0.80 0.26
CA ALA B 10 -8.83 1.60 0.34
C ALA B 10 -8.41 2.05 -1.05
N ILE B 11 -7.70 3.17 -1.11
CA ILE B 11 -7.23 3.71 -2.37
C ILE B 11 -5.94 3.04 -2.84
N LEU B 12 -5.92 2.69 -4.13
CA LEU B 12 -4.77 2.07 -4.77
C LEU B 12 -4.31 3.11 -5.80
N PRO B 13 -3.54 4.12 -5.35
CA PRO B 13 -3.03 5.20 -6.22
C PRO B 13 -2.42 4.76 -7.55
N GLU B 14 -1.63 3.70 -7.51
CA GLU B 14 -0.97 3.17 -8.71
C GLU B 14 -1.90 2.68 -9.82
N CYS B 15 -3.04 2.08 -9.42
CA CYS B 15 -4.03 1.57 -10.37
C CYS B 15 -5.11 2.65 -10.61
N ASN B 16 -4.89 3.84 -10.05
CA ASN B 16 -5.85 4.92 -10.23
C ASN B 16 -7.28 4.47 -9.87
N GLY B 17 -7.38 3.62 -8.85
CA GLY B 17 -8.67 3.11 -8.41
C GLY B 17 -8.69 2.74 -6.95
N ILE B 18 -9.60 1.87 -6.56
CA ILE B 18 -9.69 1.43 -5.18
C ILE B 18 -9.84 -0.09 -5.08
N MET B 19 -9.58 -0.61 -3.89
CA MET B 19 -9.69 -2.04 -3.64
C MET B 19 -10.62 -2.20 -2.45
N ILE B 20 -11.30 -3.34 -2.36
CA ILE B 20 -12.21 -3.58 -1.25
C ILE B 20 -12.01 -4.98 -0.72
N THR B 21 -11.74 -5.10 0.57
CA THR B 21 -11.61 -6.42 1.15
C THR B 21 -12.70 -6.60 2.19
N THR B 22 -12.90 -7.82 2.66
CA THR B 22 -13.96 -8.07 3.64
C THR B 22 -13.48 -8.67 4.95
N ARG B 23 -14.34 -8.59 5.96
CA ARG B 23 -14.06 -9.09 7.30
C ARG B 23 -13.70 -10.55 7.40
N ASP B 24 -14.18 -11.37 6.46
CA ASP B 24 -13.84 -12.77 6.55
C ASP B 24 -12.86 -13.25 5.49
N HIS B 25 -12.24 -12.30 4.79
CA HIS B 25 -11.24 -12.64 3.80
C HIS B 25 -9.92 -12.47 4.52
N ALA B 26 -9.19 -13.57 4.67
CA ALA B 26 -7.93 -13.53 5.40
C ALA B 26 -6.74 -13.04 4.59
N GLY B 27 -6.81 -13.20 3.28
CA GLY B 27 -5.74 -12.82 2.39
C GLY B 27 -5.11 -11.43 2.47
N MET B 28 -3.96 -11.31 1.81
CA MET B 28 -3.21 -10.07 1.73
C MET B 28 -3.87 -9.28 0.59
N THR B 29 -3.84 -7.96 0.65
CA THR B 29 -4.45 -7.16 -0.41
C THR B 29 -3.40 -6.29 -1.09
N PRO B 30 -3.74 -5.68 -2.23
CA PRO B 30 -2.81 -4.81 -2.96
C PRO B 30 -2.25 -3.64 -2.14
N SER B 31 -2.93 -3.28 -1.06
CA SER B 31 -2.47 -2.17 -0.22
C SER B 31 -1.39 -2.64 0.76
N GLY B 32 -1.02 -3.91 0.68
CA GLY B 32 0.00 -4.43 1.58
C GLY B 32 -0.43 -4.83 2.98
N MET B 33 -1.75 -4.85 3.22
CA MET B 33 -2.29 -5.21 4.54
C MET B 33 -3.52 -6.09 4.42
N THR B 34 -3.85 -6.79 5.50
CA THR B 34 -5.04 -7.64 5.49
C THR B 34 -6.21 -6.79 6.01
N PHE B 35 -7.38 -7.39 6.10
CA PHE B 35 -8.53 -6.68 6.62
C PHE B 35 -8.28 -6.29 8.08
N SER B 36 -7.66 -7.20 8.83
CA SER B 36 -7.38 -6.98 10.26
C SER B 36 -6.50 -5.77 10.48
N THR B 37 -5.44 -5.67 9.69
CA THR B 37 -4.54 -4.55 9.81
C THR B 37 -5.26 -3.27 9.46
N LEU B 38 -5.99 -3.28 8.35
CA LEU B 38 -6.72 -2.10 7.94
C LEU B 38 -7.72 -1.73 9.04
N ALA B 39 -8.41 -2.75 9.55
CA ALA B 39 -9.39 -2.55 10.60
C ALA B 39 -8.73 -1.92 11.84
N GLY B 40 -7.52 -2.41 12.13
CA GLY B 40 -6.80 -1.90 13.27
C GLY B 40 -6.62 -0.40 13.31
N MET B 41 -6.67 0.26 12.17
CA MET B 41 -6.51 1.71 12.18
C MET B 41 -7.78 2.45 11.74
N ILE B 42 -8.91 1.85 12.10
CA ILE B 42 -10.24 2.39 11.80
C ILE B 42 -11.00 2.27 13.13
N GLY B 43 -12.30 2.53 13.13
CA GLY B 43 -13.07 2.43 14.37
C GLY B 43 -13.16 3.76 15.11
N THR B 48 -8.68 8.36 9.00
CA THR B 48 -7.58 7.94 8.13
C THR B 48 -7.89 8.23 6.67
N PRO B 49 -7.33 9.32 6.12
CA PRO B 49 -7.58 9.65 4.70
C PRO B 49 -7.06 8.50 3.86
N GLY B 50 -7.84 8.05 2.89
CA GLY B 50 -7.38 6.95 2.05
C GLY B 50 -8.19 5.66 2.18
N PHE B 51 -8.71 5.37 3.37
CA PHE B 51 -9.54 4.19 3.55
C PHE B 51 -10.62 4.37 4.59
N MET B 52 -11.70 3.65 4.39
CA MET B 52 -12.87 3.75 5.25
C MET B 52 -13.60 2.41 5.38
N GLY B 53 -14.21 2.18 6.52
CA GLY B 53 -14.94 0.93 6.73
C GLY B 53 -16.35 1.11 6.19
N ILE B 54 -16.89 0.11 5.48
CA ILE B 54 -18.23 0.27 4.92
C ILE B 54 -19.11 -0.97 4.96
N GLY B 55 -20.34 -0.76 4.52
CA GLY B 55 -21.30 -1.85 4.42
C GLY B 55 -21.20 -2.31 2.98
N ARG B 56 -21.23 -3.62 2.76
CA ARG B 56 -21.12 -4.14 1.40
C ARG B 56 -22.20 -3.56 0.49
N THR B 57 -23.38 -3.38 1.04
CA THR B 57 -24.48 -2.81 0.29
C THR B 57 -24.14 -1.47 -0.31
N TYR B 58 -23.40 -0.65 0.43
CA TYR B 58 -23.01 0.67 -0.05
C TYR B 58 -22.45 0.58 -1.46
N ILE B 59 -21.64 -0.46 -1.69
CA ILE B 59 -20.99 -0.70 -2.97
C ILE B 59 -21.95 -0.65 -4.17
N VAL B 60 -23.19 -1.11 -3.99
CA VAL B 60 -24.14 -1.12 -5.11
C VAL B 60 -25.19 -0.01 -5.06
N SER B 61 -25.01 0.98 -4.20
CA SER B 61 -25.98 2.07 -4.13
C SER B 61 -25.61 3.15 -5.16
N LYS B 62 -26.62 3.85 -5.67
CA LYS B 62 -26.37 4.86 -6.68
C LYS B 62 -25.40 5.98 -6.26
N LYS B 63 -25.24 6.20 -4.97
CA LYS B 63 -24.35 7.26 -4.55
C LYS B 63 -22.98 6.78 -4.06
N PHE B 64 -22.64 5.54 -4.38
CA PHE B 64 -21.36 4.96 -3.99
C PHE B 64 -20.19 5.76 -4.55
N ILE B 65 -19.52 6.50 -3.69
CA ILE B 65 -18.36 7.30 -4.06
C ILE B 65 -18.60 8.03 -5.41
N SER B 66 -19.84 8.46 -5.60
CA SER B 66 -20.28 9.16 -6.82
C SER B 66 -19.39 10.33 -7.25
N ALA B 67 -18.85 11.07 -6.28
CA ALA B 67 -18.01 12.21 -6.59
C ALA B 67 -16.62 11.82 -7.08
N ASP B 68 -16.30 10.53 -7.07
CA ASP B 68 -14.98 10.10 -7.50
C ASP B 68 -14.96 9.02 -8.58
N GLY B 69 -16.13 8.75 -9.16
CA GLY B 69 -16.20 7.75 -10.21
C GLY B 69 -17.16 6.59 -9.95
N GLY B 70 -17.46 6.35 -8.68
CA GLY B 70 -18.36 5.26 -8.34
C GLY B 70 -17.80 3.91 -8.72
N ILE B 71 -18.68 2.96 -9.00
CA ILE B 71 -18.32 1.60 -9.38
C ILE B 71 -17.09 1.44 -10.29
N ALA B 72 -16.95 2.31 -11.27
CA ALA B 72 -15.82 2.25 -12.21
C ALA B 72 -14.44 2.23 -11.56
N ARG B 73 -14.33 2.67 -10.30
CA ARG B 73 -13.03 2.70 -9.62
C ARG B 73 -12.58 1.39 -9.00
N ILE B 74 -13.51 0.45 -8.78
CA ILE B 74 -13.15 -0.81 -8.16
C ILE B 74 -12.32 -1.72 -9.05
N VAL B 75 -11.10 -2.00 -8.62
CA VAL B 75 -10.20 -2.84 -9.40
C VAL B 75 -9.81 -4.14 -8.69
N TRP B 76 -10.31 -4.36 -7.49
CA TRP B 76 -9.97 -5.61 -6.78
C TRP B 76 -10.96 -5.85 -5.66
N MET B 77 -11.46 -7.08 -5.56
CA MET B 77 -12.41 -7.49 -4.52
C MET B 77 -12.22 -8.97 -4.35
N PRO B 78 -12.48 -9.50 -3.15
CA PRO B 78 -12.30 -10.94 -2.97
C PRO B 78 -13.37 -11.63 -3.83
N LYS B 79 -13.09 -12.86 -4.26
CA LYS B 79 -14.05 -13.59 -5.09
C LYS B 79 -15.39 -13.66 -4.36
N SER B 80 -15.34 -13.89 -3.04
CA SER B 80 -16.55 -13.98 -2.22
C SER B 80 -17.45 -12.75 -2.35
N LEU B 81 -16.86 -11.57 -2.30
CA LEU B 81 -17.61 -10.33 -2.40
C LEU B 81 -18.24 -10.14 -3.78
N LYS B 82 -17.55 -10.57 -4.83
CA LYS B 82 -18.13 -10.42 -6.15
C LYS B 82 -19.45 -11.19 -6.16
N ASP B 83 -19.37 -12.48 -5.83
CA ASP B 83 -20.57 -13.34 -5.81
C ASP B 83 -21.71 -12.72 -5.01
N PHE B 84 -21.38 -12.11 -3.89
CA PHE B 84 -22.36 -11.50 -3.02
C PHE B 84 -23.05 -10.31 -3.70
N LEU B 85 -22.33 -9.58 -4.54
CA LEU B 85 -22.91 -8.41 -5.20
C LEU B 85 -23.26 -8.60 -6.67
N HIS B 86 -22.81 -9.72 -7.25
CA HIS B 86 -23.02 -10.01 -8.67
C HIS B 86 -24.26 -9.41 -9.34
N ASP B 87 -25.44 -9.93 -9.01
CA ASP B 87 -26.70 -9.46 -9.59
C ASP B 87 -26.87 -7.95 -9.61
N GLU B 88 -26.96 -7.34 -8.43
CA GLU B 88 -27.16 -5.89 -8.36
C GLU B 88 -25.94 -5.10 -8.79
N PHE B 89 -24.82 -5.79 -8.99
CA PHE B 89 -23.60 -5.12 -9.42
C PHE B 89 -23.62 -4.99 -10.94
N VAL B 90 -24.04 -6.05 -11.61
CA VAL B 90 -24.15 -6.06 -13.06
C VAL B 90 -25.15 -4.97 -13.43
N ARG B 91 -26.26 -4.94 -12.70
CA ARG B 91 -27.31 -3.95 -12.92
C ARG B 91 -26.73 -2.54 -12.92
N ARG B 92 -25.97 -2.21 -11.89
CA ARG B 92 -25.35 -0.89 -11.73
C ARG B 92 -24.28 -0.64 -12.79
N SER B 93 -23.69 -1.72 -13.29
CA SER B 93 -22.66 -1.63 -14.31
C SER B 93 -23.33 -1.13 -15.58
N VAL B 94 -24.50 -1.70 -15.87
CA VAL B 94 -25.26 -1.33 -17.05
C VAL B 94 -25.85 0.06 -16.90
N GLU B 95 -26.20 0.45 -15.67
CA GLU B 95 -26.75 1.79 -15.42
C GLU B 95 -25.66 2.83 -15.64
N GLU B 96 -24.42 2.46 -15.32
CA GLU B 96 -23.27 3.35 -15.43
C GLU B 96 -22.65 3.38 -16.82
N GLY B 97 -23.09 2.48 -17.69
CA GLY B 97 -22.55 2.44 -19.03
C GLY B 97 -21.15 1.88 -19.00
N LEU B 98 -21.00 0.74 -18.33
CA LEU B 98 -19.72 0.07 -18.20
C LEU B 98 -19.86 -1.30 -18.82
N GLY B 99 -21.11 -1.67 -19.09
CA GLY B 99 -21.36 -2.97 -19.68
C GLY B 99 -21.54 -4.04 -18.65
N GLU B 100 -22.32 -5.05 -19.03
CA GLU B 100 -22.61 -6.18 -18.15
C GLU B 100 -21.38 -7.02 -17.77
N ASP B 101 -20.30 -6.88 -18.53
CA ASP B 101 -19.08 -7.67 -18.30
C ASP B 101 -18.05 -6.95 -17.43
N PHE B 102 -18.37 -5.75 -16.97
CA PHE B 102 -17.43 -4.99 -16.16
C PHE B 102 -16.87 -5.75 -14.95
N ILE B 103 -17.69 -6.57 -14.32
CA ILE B 103 -17.23 -7.30 -13.14
C ILE B 103 -16.12 -8.29 -13.48
N ASP B 104 -15.99 -8.64 -14.76
CA ASP B 104 -14.96 -9.56 -15.25
C ASP B 104 -13.60 -8.89 -15.43
N LYS B 105 -13.59 -7.56 -15.39
CA LYS B 105 -12.36 -6.80 -15.52
C LYS B 105 -11.76 -6.53 -14.14
N ILE B 106 -12.58 -6.66 -13.10
CA ILE B 106 -12.15 -6.42 -11.74
C ILE B 106 -11.30 -7.61 -11.33
N ALA B 107 -10.19 -7.37 -10.66
CA ALA B 107 -9.34 -8.49 -10.25
C ALA B 107 -9.77 -9.04 -8.91
N ASP B 108 -9.14 -10.13 -8.51
CA ASP B 108 -9.42 -10.74 -7.21
C ASP B 108 -8.22 -11.59 -6.78
N GLU B 109 -8.30 -12.24 -5.62
CA GLU B 109 -7.18 -13.04 -5.12
C GLU B 109 -6.74 -14.08 -6.15
N THR B 110 -7.67 -14.47 -7.01
CA THR B 110 -7.38 -15.44 -8.07
C THR B 110 -6.31 -14.92 -9.04
N ILE B 111 -6.32 -13.61 -9.26
CA ILE B 111 -5.36 -12.98 -10.17
C ILE B 111 -4.07 -12.57 -9.45
N GLY B 112 -4.22 -12.13 -8.19
CA GLY B 112 -3.06 -11.70 -7.44
C GLY B 112 -3.45 -10.99 -6.16
N THR B 113 -2.48 -10.58 -5.36
CA THR B 113 -2.75 -9.91 -4.10
C THR B 113 -1.92 -8.64 -4.00
N THR B 114 -1.25 -8.30 -5.10
CA THR B 114 -0.38 -7.14 -5.14
C THR B 114 -0.58 -6.34 -6.40
N VAL B 115 -0.18 -5.07 -6.38
CA VAL B 115 -0.32 -4.22 -7.54
C VAL B 115 0.57 -4.70 -8.69
N ASP B 116 1.65 -5.41 -8.36
CA ASP B 116 2.56 -5.91 -9.38
C ASP B 116 1.94 -7.00 -10.26
N GLU B 117 1.09 -7.84 -9.67
CA GLU B 117 0.44 -8.93 -10.39
C GLU B 117 -0.86 -8.46 -11.03
N ILE B 118 -1.55 -7.56 -10.32
CA ILE B 118 -2.83 -7.01 -10.76
C ILE B 118 -2.80 -5.95 -11.86
N LEU B 119 -1.80 -5.08 -11.89
CA LEU B 119 -1.78 -4.05 -12.93
C LEU B 119 -1.84 -4.61 -14.35
N PRO B 120 -0.98 -5.59 -14.68
CA PRO B 120 -1.00 -6.17 -16.03
C PRO B 120 -2.41 -6.60 -16.42
N TYR B 121 -2.98 -7.47 -15.59
CA TYR B 121 -4.33 -7.99 -15.77
C TYR B 121 -5.33 -6.86 -16.05
N LEU B 122 -5.26 -5.79 -15.26
CA LEU B 122 -6.16 -4.66 -15.44
C LEU B 122 -5.94 -4.05 -16.82
N GLU B 123 -4.67 -3.95 -17.22
CA GLU B 123 -4.34 -3.39 -18.52
C GLU B 123 -4.94 -4.27 -19.61
N GLU B 124 -4.61 -5.55 -19.56
CA GLU B 124 -5.12 -6.51 -20.54
C GLU B 124 -6.66 -6.54 -20.62
N LYS B 125 -7.32 -6.41 -19.48
CA LYS B 125 -8.79 -6.43 -19.46
C LYS B 125 -9.38 -5.09 -19.87
N GLY B 126 -8.54 -4.06 -19.94
CA GLY B 126 -9.04 -2.75 -20.32
C GLY B 126 -9.96 -2.12 -19.27
N HIS B 127 -9.61 -2.29 -17.99
CA HIS B 127 -10.38 -1.72 -16.89
C HIS B 127 -10.48 -0.21 -17.13
N PRO B 128 -11.66 0.39 -16.94
CA PRO B 128 -11.91 1.82 -17.13
C PRO B 128 -11.07 2.74 -16.25
N ALA B 129 -10.89 2.33 -15.00
CA ALA B 129 -10.15 3.10 -14.01
C ALA B 129 -8.79 3.60 -14.46
N LEU B 130 -8.05 2.77 -15.19
CA LEU B 130 -6.72 3.13 -15.66
C LEU B 130 -6.66 4.42 -16.49
N THR B 131 -7.77 4.84 -17.08
CA THR B 131 -7.78 6.06 -17.88
C THR B 131 -8.69 7.15 -17.33
N MET B 132 -9.39 6.88 -16.24
CA MET B 132 -10.27 7.87 -15.63
C MET B 132 -9.38 8.98 -15.10
N ASP B 133 -9.98 10.04 -14.55
CA ASP B 133 -9.20 11.14 -14.00
C ASP B 133 -8.41 10.68 -12.78
N PRO B 134 -7.28 11.33 -12.51
CA PRO B 134 -6.48 10.92 -11.35
C PRO B 134 -7.43 10.83 -10.16
N ILE B 135 -7.36 9.74 -9.41
CA ILE B 135 -8.24 9.56 -8.28
C ILE B 135 -7.86 10.50 -7.13
N MET B 136 -6.67 11.09 -7.21
CA MET B 136 -6.24 12.02 -6.18
C MET B 136 -6.54 13.46 -6.61
N ALA B 137 -7.84 13.77 -6.67
CA ALA B 137 -8.34 15.08 -7.07
C ALA B 137 -9.77 14.89 -7.55
NI NI C . 11.38 19.97 -2.11
NI NI D . 9.84 18.75 0.89
NI NI E . -19.56 -0.52 12.72
NI NI F . -18.55 1.99 10.62
#